data_5UFY
#
_entry.id   5UFY
#
_cell.length_a   70.203
_cell.length_b   70.203
_cell.length_c   135.577
_cell.angle_alpha   90.00
_cell.angle_beta   90.00
_cell.angle_gamma   90.00
#
_symmetry.space_group_name_H-M   'I 4 2 2'
#
loop_
_entity.id
_entity.type
_entity.pdbx_description
1 polymer Acyltransferase
2 non-polymer 'SODIUM ION'
3 water water
#
_entity_poly.entity_id   1
_entity_poly.type   'polypeptide(L)'
_entity_poly.pdbx_seq_one_letter_code
;MGGSHHHHHHGMASMTGGQQMGRDLYDDDDKDRWGSELEADANSLGIADGTMLIGDSVALRANTALQTALPGAQINAQVS
VTTKTANEIMLNNSQNKFLPKTVVIATGVNNPENYKDDWDSIVKNLPKGHHMILVTPYEGDKTKETYAIVEKAAAYMREL
AEKTPYITIADWNQVAKEHPEIWAGTDQVHFGSESSTIEAGAKLYADTIATALQTAQDKPVKSK
;
_entity_poly.pdbx_strand_id   A
#
# COMPACT_ATOMS: atom_id res chain seq x y z
N GLY A 46 21.32 -12.09 6.92
CA GLY A 46 20.43 -11.02 6.51
C GLY A 46 19.02 -11.18 7.06
N ILE A 47 18.08 -10.41 6.51
CA ILE A 47 16.71 -10.45 6.97
C ILE A 47 16.05 -11.70 6.41
N ALA A 48 15.25 -12.38 7.23
CA ALA A 48 14.52 -13.54 6.73
C ALA A 48 13.49 -13.13 5.69
N ASP A 49 13.34 -13.95 4.65
CA ASP A 49 12.27 -13.75 3.69
C ASP A 49 10.93 -13.74 4.43
N GLY A 50 9.98 -13.03 3.86
CA GLY A 50 8.63 -12.96 4.37
C GLY A 50 8.04 -11.62 3.97
N THR A 51 6.74 -11.52 4.12
CA THR A 51 6.02 -10.30 3.78
C THR A 51 5.24 -9.79 4.99
N MET A 52 5.38 -8.51 5.27
CA MET A 52 4.55 -7.83 6.26
C MET A 52 3.91 -6.63 5.59
N LEU A 53 2.58 -6.58 5.64
CA LEU A 53 1.80 -5.46 5.13
C LEU A 53 1.37 -4.60 6.31
N ILE A 54 1.70 -3.32 6.24
CA ILE A 54 1.32 -2.32 7.24
C ILE A 54 0.34 -1.41 6.54
N GLY A 55 -0.94 -1.50 6.93
CA GLY A 55 -2.00 -0.96 6.10
C GLY A 55 -3.06 -0.18 6.85
N ASP A 56 -3.84 0.54 6.04
CA ASP A 56 -4.88 1.44 6.49
C ASP A 56 -6.26 0.79 6.37
N SER A 57 -7.29 1.62 6.43
CA SER A 57 -8.67 1.12 6.43
C SER A 57 -9.02 0.41 5.13
N VAL A 58 -8.41 0.81 4.01
CA VAL A 58 -8.70 0.15 2.73
C VAL A 58 -8.09 -1.24 2.70
N ALA A 59 -6.83 -1.35 3.14
CA ALA A 59 -6.21 -2.66 3.28
C ALA A 59 -7.00 -3.54 4.24
N LEU A 60 -7.48 -2.97 5.35
CA LEU A 60 -8.22 -3.77 6.32
C LEU A 60 -9.48 -4.34 5.69
N ARG A 61 -10.15 -3.54 4.87
CA ARG A 61 -11.36 -4.01 4.19
C ARG A 61 -11.04 -5.20 3.30
N ALA A 62 -9.83 -5.27 2.73
CA ALA A 62 -9.40 -6.36 1.87
C ALA A 62 -8.71 -7.48 2.62
N ASN A 63 -8.79 -7.51 3.96
CA ASN A 63 -7.97 -8.42 4.75
C ASN A 63 -8.14 -9.88 4.33
N THR A 64 -9.38 -10.35 4.20
CA THR A 64 -9.61 -11.75 3.85
C THR A 64 -9.03 -12.06 2.47
N ALA A 65 -9.26 -11.18 1.50
CA ALA A 65 -8.74 -11.40 0.16
C ALA A 65 -7.22 -11.37 0.15
N LEU A 66 -6.63 -10.47 0.94
CA LEU A 66 -5.18 -10.40 1.02
C LEU A 66 -4.60 -11.70 1.55
N GLN A 67 -5.19 -12.23 2.62
CA GLN A 67 -4.66 -13.45 3.22
C GLN A 67 -4.84 -14.64 2.27
N THR A 68 -5.92 -14.65 1.48
CA THR A 68 -6.14 -15.70 0.51
C THR A 68 -5.14 -15.61 -0.63
N ALA A 69 -4.88 -14.40 -1.14
CA ALA A 69 -3.94 -14.24 -2.22
C ALA A 69 -2.50 -14.45 -1.77
N LEU A 70 -2.22 -14.20 -0.49
CA LEU A 70 -0.86 -14.24 0.06
C LEU A 70 -0.85 -15.07 1.32
N PRO A 71 -1.10 -16.37 1.22
CA PRO A 71 -1.08 -17.21 2.43
C PRO A 71 0.29 -17.15 3.09
N GLY A 72 0.29 -16.89 4.38
CA GLY A 72 1.54 -16.75 5.09
C GLY A 72 2.07 -15.35 5.18
N ALA A 73 1.52 -14.39 4.44
CA ALA A 73 1.88 -13.00 4.64
C ALA A 73 1.34 -12.54 5.99
N GLN A 74 2.03 -11.60 6.60
CA GLN A 74 1.57 -10.97 7.84
C GLN A 74 0.83 -9.69 7.48
N ILE A 75 -0.47 -9.67 7.73
CA ILE A 75 -1.31 -8.54 7.38
C ILE A 75 -1.59 -7.75 8.65
N ASN A 76 -1.03 -6.56 8.75
CA ASN A 76 -1.24 -5.66 9.90
C ASN A 76 -1.91 -4.40 9.38
N ALA A 77 -3.23 -4.44 9.29
CA ALA A 77 -4.01 -3.32 8.78
C ALA A 77 -4.93 -2.82 9.88
N GLN A 78 -5.02 -1.50 10.03
CA GLN A 78 -5.82 -0.89 11.07
C GLN A 78 -6.47 0.38 10.53
N VAL A 79 -7.63 0.61 11.04
CA VAL A 79 -8.43 1.69 10.58
C VAL A 79 -7.75 3.01 10.51
N SER A 80 -7.02 3.28 11.54
CA SER A 80 -6.47 4.62 11.78
C SER A 80 -5.08 4.84 11.18
N VAL A 81 -4.50 3.84 10.52
CA VAL A 81 -3.11 3.95 10.09
C VAL A 81 -2.97 4.94 8.94
N THR A 82 -1.93 5.76 9.03
CA THR A 82 -1.56 6.74 8.02
C THR A 82 -0.13 6.43 7.61
N THR A 83 0.36 7.12 6.59
CA THR A 83 1.76 6.91 6.20
C THR A 83 2.68 7.22 7.36
N LYS A 84 2.37 8.28 8.12
CA LYS A 84 3.18 8.66 9.27
C LYS A 84 3.26 7.53 10.27
N THR A 85 2.12 6.94 10.64
CA THR A 85 2.19 5.89 11.64
C THR A 85 2.73 4.58 11.07
N ALA A 86 2.53 4.33 9.77
CA ALA A 86 3.13 3.15 9.17
C ALA A 86 4.66 3.20 9.27
N ASN A 87 5.24 4.39 9.11
CA ASN A 87 6.68 4.56 9.23
C ASN A 87 7.14 4.18 10.64
N GLU A 88 6.41 4.67 11.65
CA GLU A 88 6.71 4.33 13.03
C GLU A 88 6.61 2.82 13.26
N ILE A 89 5.54 2.20 12.76
CA ILE A 89 5.33 0.77 12.93
C ILE A 89 6.44 -0.02 12.25
N MET A 90 6.82 0.39 11.05
CA MET A 90 7.88 -0.26 10.31
C MET A 90 9.16 -0.28 11.14
N LEU A 91 9.55 0.88 11.66
CA LEU A 91 10.80 0.93 12.43
C LEU A 91 10.69 0.18 13.75
N ASN A 92 9.53 0.24 14.41
CA ASN A 92 9.38 -0.53 15.65
C ASN A 92 9.53 -2.02 15.37
N ASN A 93 8.95 -2.50 14.27
CA ASN A 93 9.10 -3.90 13.92
C ASN A 93 10.54 -4.24 13.58
N SER A 94 11.22 -3.39 12.82
CA SER A 94 12.62 -3.64 12.51
C SER A 94 13.46 -3.72 13.78
N GLN A 95 13.22 -2.79 14.71
CA GLN A 95 14.03 -2.70 15.91
C GLN A 95 13.77 -3.87 16.84
N ASN A 96 12.59 -4.49 16.76
CA ASN A 96 12.30 -5.69 17.52
C ASN A 96 12.55 -6.96 16.72
N LYS A 97 13.11 -6.83 15.52
CA LYS A 97 13.52 -7.96 14.68
C LYS A 97 12.34 -8.79 14.17
N PHE A 98 11.18 -8.13 14.04
CA PHE A 98 9.97 -8.76 13.51
C PHE A 98 9.70 -8.42 12.05
N LEU A 99 10.43 -7.48 11.46
CA LEU A 99 10.14 -7.06 10.09
C LEU A 99 10.83 -8.00 9.11
N PRO A 100 10.09 -8.72 8.27
CA PRO A 100 10.71 -9.61 7.28
C PRO A 100 11.15 -8.81 6.05
N LYS A 101 11.72 -9.52 5.08
CA LYS A 101 12.40 -8.86 3.98
C LYS A 101 11.48 -7.89 3.25
N THR A 102 10.26 -8.32 2.92
CA THR A 102 9.38 -7.57 2.05
C THR A 102 8.37 -6.81 2.91
N VAL A 103 8.34 -5.50 2.73
CA VAL A 103 7.53 -4.59 3.52
C VAL A 103 6.55 -3.92 2.57
N VAL A 104 5.24 -4.11 2.79
CA VAL A 104 4.21 -3.48 1.96
C VAL A 104 3.60 -2.35 2.77
N ILE A 105 3.68 -1.12 2.27
CA ILE A 105 3.08 0.04 2.92
C ILE A 105 1.81 0.37 2.15
N ALA A 106 0.67 0.11 2.77
CA ALA A 106 -0.63 0.25 2.13
C ALA A 106 -1.36 1.38 2.84
N THR A 107 -0.97 2.61 2.51
CA THR A 107 -1.50 3.80 3.15
C THR A 107 -1.55 4.92 2.12
N GLY A 108 -2.10 6.04 2.54
CA GLY A 108 -1.96 7.26 1.77
C GLY A 108 -3.22 8.06 1.58
N VAL A 109 -4.38 7.43 1.69
CA VAL A 109 -5.61 8.17 1.42
C VAL A 109 -6.04 8.98 2.64
N ASN A 110 -5.72 8.53 3.84
CA ASN A 110 -6.09 9.24 5.06
C ASN A 110 -4.95 10.17 5.50
N ASN A 111 -5.30 11.42 5.79
CA ASN A 111 -4.33 12.47 6.10
C ASN A 111 -3.31 12.64 4.99
N PRO A 112 -3.75 12.93 3.75
CA PRO A 112 -2.80 12.95 2.63
C PRO A 112 -1.99 14.23 2.48
N GLU A 113 -2.30 15.29 3.23
CA GLU A 113 -1.70 16.59 2.92
C GLU A 113 -0.18 16.57 2.97
N ASN A 114 0.42 15.83 3.91
CA ASN A 114 1.86 15.82 4.10
C ASN A 114 2.55 14.75 3.26
N TYR A 115 1.98 14.39 2.11
CA TYR A 115 2.45 13.21 1.37
C TYR A 115 3.92 13.32 0.96
N LYS A 116 4.40 14.49 0.57
CA LYS A 116 5.78 14.55 0.09
C LYS A 116 6.75 14.16 1.20
N ASP A 117 6.62 14.82 2.35
CA ASP A 117 7.49 14.49 3.47
C ASP A 117 7.26 13.08 3.96
N ASP A 118 6.01 12.62 4.04
CA ASP A 118 5.74 11.29 4.58
C ASP A 118 6.35 10.21 3.69
N TRP A 119 6.16 10.30 2.38
CA TRP A 119 6.69 9.26 1.51
C TRP A 119 8.20 9.34 1.38
N ASP A 120 8.77 10.55 1.31
CA ASP A 120 10.21 10.65 1.35
C ASP A 120 10.76 10.00 2.60
N SER A 121 10.12 10.26 3.75
CA SER A 121 10.63 9.77 5.01
C SER A 121 10.52 8.26 5.11
N ILE A 122 9.40 7.68 4.70
CA ILE A 122 9.30 6.24 4.90
C ILE A 122 10.25 5.50 3.97
N VAL A 123 10.49 6.03 2.77
CA VAL A 123 11.48 5.42 1.91
C VAL A 123 12.88 5.56 2.50
N LYS A 124 13.22 6.75 3.01
CA LYS A 124 14.53 6.95 3.62
C LYS A 124 14.73 6.03 4.82
N ASN A 125 13.68 5.81 5.60
CA ASN A 125 13.76 5.01 6.82
C ASN A 125 13.62 3.51 6.59
N LEU A 126 13.34 3.08 5.37
CA LEU A 126 13.34 1.65 5.12
C LEU A 126 14.67 1.08 5.59
N PRO A 127 14.69 0.05 6.43
CA PRO A 127 15.98 -0.43 6.92
C PRO A 127 16.75 -1.20 5.85
N LYS A 128 18.07 -1.21 5.99
CA LYS A 128 18.88 -2.04 5.12
C LYS A 128 18.41 -3.48 5.22
N GLY A 129 18.39 -4.16 4.08
CA GLY A 129 18.05 -5.56 4.01
C GLY A 129 16.64 -5.86 3.52
N HIS A 130 15.86 -4.80 3.24
CA HIS A 130 14.45 -4.96 2.90
C HIS A 130 14.16 -4.47 1.48
N HIS A 131 13.06 -4.99 0.95
CA HIS A 131 12.45 -4.56 -0.30
C HIS A 131 11.10 -3.97 0.10
N MET A 132 10.70 -2.87 -0.51
CA MET A 132 9.44 -2.18 -0.14
C MET A 132 8.47 -2.10 -1.30
N ILE A 133 7.21 -2.37 -1.02
CA ILE A 133 6.13 -2.22 -1.98
C ILE A 133 5.26 -1.04 -1.48
N LEU A 134 5.02 -0.07 -2.36
CA LEU A 134 4.19 1.10 -2.05
C LEU A 134 2.86 0.94 -2.75
N VAL A 135 1.76 0.96 -2.01
CA VAL A 135 0.42 0.81 -2.57
C VAL A 135 -0.19 2.20 -2.73
N THR A 136 -0.41 2.62 -3.97
CA THR A 136 -0.90 3.97 -4.17
C THR A 136 -2.34 4.12 -3.67
N PRO A 137 -2.69 5.31 -3.20
CA PRO A 137 -4.04 5.56 -2.66
C PRO A 137 -5.02 5.99 -3.75
N TYR A 138 -6.30 5.79 -3.45
CA TYR A 138 -7.39 6.19 -4.35
C TYR A 138 -8.53 6.84 -3.57
N GLU A 139 -8.77 8.11 -3.91
CA GLU A 139 -9.96 8.88 -3.54
C GLU A 139 -10.74 9.07 -4.84
N GLY A 140 -11.91 8.46 -4.93
CA GLY A 140 -12.61 8.49 -6.19
C GLY A 140 -13.42 9.76 -6.45
N ASP A 141 -13.77 10.51 -5.40
CA ASP A 141 -14.61 11.71 -5.58
C ASP A 141 -13.71 12.85 -6.07
N LYS A 142 -13.80 13.16 -7.36
CA LYS A 142 -12.96 14.18 -7.97
C LYS A 142 -13.24 15.58 -7.46
N THR A 143 -14.34 15.78 -6.73
CA THR A 143 -14.66 17.07 -6.16
C THR A 143 -14.25 17.19 -4.70
N LYS A 144 -13.75 16.14 -4.08
CA LYS A 144 -13.30 16.26 -2.69
C LYS A 144 -12.16 17.26 -2.62
N GLU A 145 -12.11 18.03 -1.54
CA GLU A 145 -11.07 19.04 -1.42
C GLU A 145 -9.68 18.44 -1.34
N THR A 146 -9.58 17.15 -1.04
CA THR A 146 -8.32 16.42 -0.95
C THR A 146 -8.03 15.60 -2.20
N TYR A 147 -8.92 15.57 -3.19
CA TYR A 147 -8.72 14.71 -4.37
C TYR A 147 -7.39 15.00 -5.04
N ALA A 148 -7.14 16.26 -5.36
CA ALA A 148 -5.90 16.60 -6.06
C ALA A 148 -4.68 16.19 -5.28
N ILE A 149 -4.76 16.24 -3.94
CA ILE A 149 -3.66 15.84 -3.07
C ILE A 149 -3.42 14.35 -3.17
N VAL A 150 -4.49 13.55 -3.08
CA VAL A 150 -4.33 12.09 -3.19
C VAL A 150 -3.74 11.72 -4.55
N GLU A 151 -4.21 12.38 -5.61
CA GLU A 151 -3.66 12.10 -6.95
C GLU A 151 -2.19 12.46 -7.03
N LYS A 152 -1.80 13.60 -6.45
CA LYS A 152 -0.38 13.96 -6.42
C LYS A 152 0.41 12.96 -5.58
N ALA A 153 -0.16 12.48 -4.49
CA ALA A 153 0.54 11.50 -3.67
C ALA A 153 0.79 10.23 -4.45
N ALA A 154 -0.24 9.73 -5.14
CA ALA A 154 -0.04 8.54 -5.97
C ALA A 154 1.04 8.76 -7.00
N ALA A 155 1.03 9.93 -7.65
CA ALA A 155 2.05 10.21 -8.66
C ALA A 155 3.44 10.30 -8.03
N TYR A 156 3.54 10.88 -6.85
CA TYR A 156 4.84 11.00 -6.19
C TYR A 156 5.39 9.63 -5.79
N MET A 157 4.51 8.77 -5.29
CA MET A 157 4.91 7.40 -4.98
C MET A 157 5.41 6.67 -6.21
N ARG A 158 4.75 6.86 -7.34
CA ARG A 158 5.25 6.26 -8.57
C ARG A 158 6.66 6.75 -8.88
N GLU A 159 6.91 8.04 -8.69
CA GLU A 159 8.25 8.56 -8.93
C GLU A 159 9.26 7.89 -8.01
N LEU A 160 8.92 7.75 -6.74
CA LEU A 160 9.85 7.12 -5.80
C LEU A 160 10.13 5.68 -6.21
N ALA A 161 9.08 4.94 -6.61
CA ALA A 161 9.27 3.56 -7.02
C ALA A 161 10.07 3.46 -8.32
N GLU A 162 9.81 4.33 -9.28
CA GLU A 162 10.55 4.25 -10.54
C GLU A 162 12.03 4.47 -10.33
N LYS A 163 12.38 5.36 -9.40
CA LYS A 163 13.79 5.66 -9.28
CA LYS A 163 13.75 5.78 -9.13
C LYS A 163 14.53 4.75 -8.31
N THR A 164 13.86 4.04 -7.42
CA THR A 164 14.52 3.34 -6.33
C THR A 164 14.56 1.84 -6.60
N PRO A 165 15.73 1.22 -6.72
CA PRO A 165 15.78 -0.17 -7.22
C PRO A 165 15.18 -1.18 -6.25
N TYR A 166 15.12 -0.87 -4.96
CA TYR A 166 14.57 -1.76 -3.93
C TYR A 166 13.14 -1.43 -3.56
N ILE A 167 12.41 -0.72 -4.43
CA ILE A 167 11.00 -0.43 -4.27
C ILE A 167 10.25 -0.86 -5.51
N THR A 168 9.04 -1.38 -5.29
CA THR A 168 8.11 -1.74 -6.37
C THR A 168 6.76 -1.10 -6.08
N ILE A 169 6.10 -0.57 -7.13
CA ILE A 169 4.78 0.02 -6.98
C ILE A 169 3.72 -1.08 -7.01
N ALA A 170 2.65 -0.88 -6.25
CA ALA A 170 1.41 -1.64 -6.36
C ALA A 170 0.36 -0.57 -6.64
N ASP A 171 0.00 -0.41 -7.91
CA ASP A 171 -0.70 0.81 -8.31
C ASP A 171 -2.22 0.65 -8.22
N TRP A 172 -2.68 0.57 -6.97
CA TRP A 172 -4.12 0.54 -6.68
C TRP A 172 -4.84 1.74 -7.26
N ASN A 173 -4.24 2.92 -7.20
CA ASN A 173 -4.86 4.11 -7.79
C ASN A 173 -5.26 3.87 -9.26
N GLN A 174 -4.34 3.27 -10.04
CA GLN A 174 -4.64 2.97 -11.43
C GLN A 174 -5.71 1.89 -11.55
N VAL A 175 -5.58 0.81 -10.78
CA VAL A 175 -6.53 -0.29 -10.86
C VAL A 175 -7.93 0.19 -10.50
N ALA A 176 -8.05 0.97 -9.44
CA ALA A 176 -9.34 1.45 -8.98
C ALA A 176 -10.04 2.23 -10.07
N LYS A 177 -9.29 3.02 -10.84
CA LYS A 177 -9.86 3.84 -11.90
C LYS A 177 -10.40 3.01 -13.04
N GLU A 178 -9.88 1.80 -13.21
CA GLU A 178 -10.31 0.92 -14.29
C GLU A 178 -11.56 0.13 -13.96
N HIS A 179 -12.06 0.22 -12.73
CA HIS A 179 -13.17 -0.62 -12.25
C HIS A 179 -14.25 0.22 -11.59
N PRO A 180 -14.94 1.06 -12.36
CA PRO A 180 -16.00 1.87 -11.75
C PRO A 180 -17.08 1.07 -11.05
N GLU A 181 -17.27 -0.20 -11.44
CA GLU A 181 -18.34 -1.00 -10.84
C GLU A 181 -18.13 -1.21 -9.34
N ILE A 182 -16.89 -1.22 -8.85
CA ILE A 182 -16.68 -1.45 -7.42
C ILE A 182 -16.88 -0.19 -6.60
N TRP A 183 -17.17 0.93 -7.24
CA TRP A 183 -17.37 2.19 -6.53
C TRP A 183 -18.82 2.62 -6.47
N ALA A 184 -19.70 1.97 -7.23
CA ALA A 184 -21.11 2.32 -7.19
C ALA A 184 -21.63 2.19 -5.77
N GLY A 185 -22.28 3.24 -5.28
CA GLY A 185 -22.89 3.17 -3.98
C GLY A 185 -21.95 3.30 -2.80
N THR A 186 -20.69 3.66 -3.03
CA THR A 186 -19.68 3.69 -1.98
C THR A 186 -19.29 5.11 -1.63
N ASP A 187 -18.41 5.20 -0.64
CA ASP A 187 -17.78 6.46 -0.26
C ASP A 187 -16.60 6.83 -1.16
N GLN A 188 -16.37 6.08 -2.25
CA GLN A 188 -15.33 6.35 -3.23
CA GLN A 188 -15.33 6.34 -3.24
C GLN A 188 -13.93 6.02 -2.73
N VAL A 189 -13.81 5.37 -1.57
CA VAL A 189 -12.53 4.98 -1.00
C VAL A 189 -12.55 3.51 -0.60
N HIS A 190 -13.62 3.12 0.10
CA HIS A 190 -13.81 1.75 0.60
C HIS A 190 -14.69 1.01 -0.39
N PHE A 191 -14.06 0.13 -1.17
CA PHE A 191 -14.66 -0.48 -2.35
C PHE A 191 -15.87 -1.36 -2.01
N GLY A 192 -16.81 -1.40 -2.94
CA GLY A 192 -17.95 -2.30 -2.86
C GLY A 192 -19.07 -1.77 -1.99
N SER A 193 -20.30 -1.80 -2.50
CA SER A 193 -21.45 -1.39 -1.71
C SER A 193 -22.32 -2.56 -1.31
N GLU A 194 -22.09 -3.74 -1.88
CA GLU A 194 -22.84 -4.94 -1.58
C GLU A 194 -21.85 -6.10 -1.55
N SER A 195 -22.35 -7.27 -1.14
CA SER A 195 -21.47 -8.42 -0.92
C SER A 195 -20.59 -8.69 -2.14
N SER A 196 -21.19 -8.71 -3.33
CA SER A 196 -20.46 -9.16 -4.50
C SER A 196 -19.37 -8.16 -4.90
N THR A 197 -19.66 -6.87 -4.80
CA THR A 197 -18.66 -5.88 -5.19
C THR A 197 -17.61 -5.66 -4.11
N ILE A 198 -17.95 -5.91 -2.84
CA ILE A 198 -16.93 -5.90 -1.80
C ILE A 198 -15.93 -7.02 -2.04
N GLU A 199 -16.43 -8.22 -2.33
CA GLU A 199 -15.55 -9.35 -2.66
C GLU A 199 -14.74 -9.04 -3.91
N ALA A 200 -15.38 -8.51 -4.95
CA ALA A 200 -14.67 -8.25 -6.20
C ALA A 200 -13.61 -7.18 -6.01
N GLY A 201 -13.94 -6.10 -5.30
CA GLY A 201 -12.96 -5.06 -5.06
C GLY A 201 -11.81 -5.54 -4.20
N ALA A 202 -12.12 -6.36 -3.19
CA ALA A 202 -11.06 -6.88 -2.32
C ALA A 202 -10.11 -7.78 -3.09
N LYS A 203 -10.64 -8.60 -3.98
CA LYS A 203 -9.80 -9.43 -4.82
C LYS A 203 -8.92 -8.60 -5.73
N LEU A 204 -9.47 -7.53 -6.32
CA LEU A 204 -8.66 -6.67 -7.17
C LEU A 204 -7.54 -6.02 -6.36
N TYR A 205 -7.86 -5.55 -5.15
CA TYR A 205 -6.86 -4.94 -4.28
C TYR A 205 -5.77 -5.94 -3.95
N ALA A 206 -6.17 -7.13 -3.51
CA ALA A 206 -5.20 -8.16 -3.15
C ALA A 206 -4.34 -8.57 -4.33
N ASP A 207 -4.97 -8.75 -5.50
CA ASP A 207 -4.20 -9.18 -6.67
C ASP A 207 -3.22 -8.10 -7.12
N THR A 208 -3.55 -6.83 -6.90
CA THR A 208 -2.61 -5.76 -7.21
C THR A 208 -1.34 -5.90 -6.39
N ILE A 209 -1.49 -6.22 -5.11
CA ILE A 209 -0.32 -6.39 -4.26
C ILE A 209 0.40 -7.69 -4.59
N ALA A 210 -0.34 -8.76 -4.86
CA ALA A 210 0.30 -10.03 -5.21
C ALA A 210 1.13 -9.89 -6.48
N THR A 211 0.62 -9.17 -7.46
CA THR A 211 1.38 -8.96 -8.69
C THR A 211 2.64 -8.16 -8.43
N ALA A 212 2.54 -7.12 -7.58
CA ALA A 212 3.72 -6.36 -7.20
C ALA A 212 4.76 -7.24 -6.53
N LEU A 213 4.31 -8.15 -5.67
CA LEU A 213 5.26 -9.07 -5.04
C LEU A 213 5.94 -9.96 -6.07
N GLN A 214 5.20 -10.37 -7.10
CA GLN A 214 5.84 -11.14 -8.17
C GLN A 214 6.88 -10.30 -8.90
N THR A 215 6.54 -9.05 -9.23
CA THR A 215 7.49 -8.18 -9.90
C THR A 215 8.75 -7.98 -9.06
N ALA A 216 8.59 -7.92 -7.75
CA ALA A 216 9.69 -7.68 -6.84
C ALA A 216 10.62 -8.87 -6.66
N GLN A 217 10.24 -10.05 -7.15
CA GLN A 217 10.97 -11.27 -6.81
C GLN A 217 12.44 -11.21 -7.18
N ASP A 218 12.76 -10.67 -8.35
CA ASP A 218 14.14 -10.65 -8.83
C ASP A 218 14.84 -9.32 -8.55
N LYS A 219 14.29 -8.53 -7.63
CA LYS A 219 14.83 -7.20 -7.39
C LYS A 219 15.66 -7.17 -6.11
N PRO A 220 16.59 -6.22 -6.02
CA PRO A 220 17.46 -6.16 -4.85
C PRO A 220 16.72 -5.61 -3.63
N VAL A 221 17.34 -5.82 -2.48
CA VAL A 221 16.98 -5.11 -1.25
C VAL A 221 17.80 -3.85 -1.12
N LYS A 222 17.51 -3.05 -0.10
CA LYS A 222 18.34 -1.90 0.23
C LYS A 222 19.64 -2.40 0.84
N SER A 223 20.76 -1.93 0.31
CA SER A 223 22.05 -2.36 0.82
C SER A 223 23.06 -1.27 0.62
N LYS A 224 24.19 -1.42 1.32
CA LYS A 224 25.16 -0.34 1.38
C LYS A 224 26.53 -0.73 0.84
#